data_1Z0J
#
_entry.id   1Z0J
#
_cell.length_a   45.075
_cell.length_b   55.897
_cell.length_c   85.960
_cell.angle_alpha   90.00
_cell.angle_beta   90.00
_cell.angle_gamma   90.00
#
_symmetry.space_group_name_H-M   'P 21 21 21'
#
loop_
_entity.id
_entity.type
_entity.pdbx_description
1 polymer 'Ras-related protein Rab-22A'
2 polymer 'FYVE-finger-containing Rab5 effector protein rabenosyn-5'
3 non-polymer 'MAGNESIUM ION'
4 non-polymer "GUANOSINE-5'-TRIPHOSPHATE"
5 non-polymer 2-AMINO-2-HYDROXYMETHYL-PROPANE-1,3-DIOL
6 non-polymer GLYCEROL
7 water water
#
loop_
_entity_poly.entity_id
_entity_poly.type
_entity_poly.pdbx_seq_one_letter_code
_entity_poly.pdbx_strand_id
1 'polypeptide(L)'
;GSALRELKVCLLGDTGVGKSSIMWRFVEDSFDPNINPTIGASFMTKTVQYQNELHKFLIWDTAGLERFRALAPMYYRGSA
AAIIVYDITKEETFSTLKNWVRELRQHGPPSIVVAIAGNKCDLTDVREVMERDAKDYADSIHAIFVETSAKNAININELF
IEISRRIPST
;
A
2 'polypeptide(L)' GSPEAEEPIEEELLLQQIDNIKAYIFDAKQCGRLDEVEVLTENLRELKHTLAKQKGGTD B
#
# COMPACT_ATOMS: atom_id res chain seq x y z
N GLY A 1 16.21 -14.49 -6.48
CA GLY A 1 15.52 -15.45 -7.41
C GLY A 1 15.18 -16.65 -6.58
N SER A 2 16.22 -17.34 -6.13
CA SER A 2 16.08 -18.30 -5.07
C SER A 2 16.42 -17.59 -3.76
N ALA A 3 17.47 -16.77 -3.77
CA ALA A 3 17.89 -16.08 -2.54
C ALA A 3 17.05 -14.86 -2.19
N LEU A 4 16.50 -14.22 -3.22
CA LEU A 4 15.72 -12.99 -3.02
C LEU A 4 14.22 -13.23 -3.10
N ARG A 5 13.52 -12.96 -2.00
CA ARG A 5 12.06 -13.15 -1.89
C ARG A 5 11.33 -11.85 -2.24
N GLU A 6 10.51 -11.87 -3.29
CA GLU A 6 9.70 -10.71 -3.68
C GLU A 6 8.45 -10.68 -2.82
N LEU A 7 8.14 -9.49 -2.28
CA LEU A 7 6.98 -9.32 -1.40
C LEU A 7 6.11 -8.17 -1.90
N LYS A 8 4.96 -8.49 -2.49
CA LYS A 8 4.03 -7.46 -2.97
C LYS A 8 3.20 -6.94 -1.81
N VAL A 9 3.26 -5.63 -1.58
CA VAL A 9 2.52 -5.02 -0.47
C VAL A 9 1.74 -3.82 -1.01
N CYS A 10 0.52 -3.65 -0.53
CA CYS A 10 -0.33 -2.55 -0.98
C CYS A 10 -0.75 -1.66 0.19
N LEU A 11 -0.61 -0.35 0.01
CA LEU A 11 -1.05 0.65 0.99
C LEU A 11 -2.47 1.11 0.65
N LEU A 12 -3.35 1.07 1.65
CA LEU A 12 -4.76 1.44 1.53
C LEU A 12 -5.16 2.37 2.68
N GLY A 13 -6.19 3.18 2.46
CA GLY A 13 -6.68 4.09 3.49
C GLY A 13 -7.17 5.39 2.90
N ASP A 14 -7.86 6.16 3.73
CA ASP A 14 -8.43 7.43 3.32
C ASP A 14 -7.37 8.39 2.81
N THR A 15 -7.79 9.33 1.98
CA THR A 15 -6.90 10.41 1.55
C THR A 15 -6.40 11.18 2.76
N GLY A 16 -5.11 11.53 2.77
CA GLY A 16 -4.58 12.41 3.80
C GLY A 16 -4.02 11.74 5.04
N VAL A 17 -4.11 10.41 5.12
CA VAL A 17 -3.68 9.71 6.33
C VAL A 17 -2.17 9.52 6.45
N GLY A 18 -1.47 9.51 5.32
CA GLY A 18 -0.01 9.37 5.27
C GLY A 18 0.54 8.10 4.60
N LYS A 19 -0.24 7.45 3.73
CA LYS A 19 0.25 6.27 2.99
C LYS A 19 1.55 6.56 2.23
N SER A 20 1.53 7.60 1.41
CA SER A 20 2.70 7.91 0.61
C SER A 20 3.86 8.34 1.49
N SER A 21 3.57 9.07 2.56
CA SER A 21 4.62 9.51 3.46
C SER A 21 5.29 8.33 4.18
N ILE A 22 4.51 7.34 4.57
CA ILE A 22 5.09 6.08 5.08
C ILE A 22 6.05 5.44 4.07
N MET A 23 5.62 5.33 2.82
CA MET A 23 6.47 4.76 1.78
C MET A 23 7.75 5.57 1.55
N TRP A 24 7.63 6.89 1.48
CA TRP A 24 8.81 7.74 1.25
C TRP A 24 9.77 7.67 2.44
N ARG A 25 9.26 7.58 3.66
CA ARG A 25 10.13 7.43 4.80
C ARG A 25 10.89 6.11 4.73
N PHE A 26 10.16 5.03 4.48
CA PHE A 26 10.77 3.69 4.39
C PHE A 26 11.83 3.60 3.29
N VAL A 27 11.50 4.09 2.10
CA VAL A 27 12.36 3.92 0.93
C VAL A 27 13.46 4.99 0.82
N GLU A 28 13.10 6.25 1.04
CA GLU A 28 14.02 7.38 0.79
C GLU A 28 14.52 8.06 2.06
N ASP A 29 14.03 7.61 3.22
CA ASP A 29 14.33 8.22 4.51
C ASP A 29 14.12 9.74 4.48
N SER A 30 12.99 10.17 3.93
CA SER A 30 12.65 11.58 3.87
C SER A 30 11.17 11.81 4.19
N PHE A 31 10.84 13.07 4.49
CA PHE A 31 9.48 13.51 4.78
C PHE A 31 9.24 14.88 4.14
N ASP A 32 8.07 15.05 3.52
CA ASP A 32 7.70 16.29 2.88
C ASP A 32 6.35 16.74 3.46
N PRO A 33 6.34 17.86 4.21
CA PRO A 33 5.09 18.39 4.78
C PRO A 33 4.08 18.78 3.70
N ASN A 34 4.57 19.00 2.49
CA ASN A 34 3.73 19.45 1.39
C ASN A 34 3.52 18.43 0.28
N ILE A 35 3.75 17.15 0.57
CA ILE A 35 3.48 16.10 -0.42
C ILE A 35 2.03 16.20 -0.90
N ASN A 36 1.82 16.03 -2.20
CA ASN A 36 0.50 16.16 -2.82
C ASN A 36 -0.27 14.83 -2.77
N PRO A 37 -1.61 14.90 -2.77
CA PRO A 37 -2.42 13.69 -2.91
C PRO A 37 -2.01 12.89 -4.14
N THR A 38 -2.01 11.57 -3.99
CA THR A 38 -1.63 10.62 -5.03
C THR A 38 -2.69 10.51 -6.12
N ILE A 39 -2.23 10.41 -7.36
CA ILE A 39 -3.08 10.17 -8.52
C ILE A 39 -2.88 8.73 -9.01
N GLY A 40 -3.95 7.96 -9.01
CA GLY A 40 -3.92 6.56 -9.47
C GLY A 40 -3.29 5.64 -8.44
N ALA A 41 -2.09 5.15 -8.74
CA ALA A 41 -1.26 4.45 -7.75
C ALA A 41 0.21 4.62 -8.10
N SER A 42 1.04 4.79 -7.07
CA SER A 42 2.48 4.92 -7.26
C SER A 42 3.19 3.63 -6.86
N PHE A 43 4.48 3.54 -7.18
CA PHE A 43 5.25 2.31 -7.02
C PHE A 43 6.66 2.62 -6.56
N MET A 44 7.11 1.93 -5.51
CA MET A 44 8.53 1.95 -5.11
C MET A 44 8.95 0.57 -4.65
N THR A 45 10.27 0.31 -4.65
CA THR A 45 10.79 -0.94 -4.13
C THR A 45 11.91 -0.69 -3.12
N LYS A 46 12.13 -1.68 -2.26
CA LYS A 46 13.24 -1.64 -1.31
C LYS A 46 13.73 -3.07 -1.04
N THR A 47 15.04 -3.27 -1.15
CA THR A 47 15.66 -4.56 -0.84
C THR A 47 16.24 -4.50 0.55
N VAL A 48 15.89 -5.49 1.38
CA VAL A 48 16.26 -5.50 2.79
C VAL A 48 16.74 -6.90 3.21
N GLN A 49 17.43 -6.96 4.35
CA GLN A 49 17.72 -8.23 4.98
C GLN A 49 17.04 -8.26 6.34
N TYR A 50 15.96 -9.02 6.45
CA TYR A 50 15.23 -9.23 7.69
C TYR A 50 15.16 -10.71 8.00
N GLN A 51 15.22 -11.09 9.28
CA GLN A 51 15.17 -12.50 9.66
C GLN A 51 16.27 -13.31 8.91
N ASN A 52 17.42 -12.68 8.68
CA ASN A 52 18.58 -13.31 8.03
C ASN A 52 18.32 -13.77 6.60
N GLU A 53 17.36 -13.13 5.93
CA GLU A 53 16.98 -13.47 4.57
C GLU A 53 16.81 -12.19 3.77
N LEU A 54 16.99 -12.27 2.45
CA LEU A 54 16.81 -11.11 1.58
C LEU A 54 15.38 -11.03 1.05
N HIS A 55 14.82 -9.83 1.10
CA HIS A 55 13.46 -9.58 0.60
C HIS A 55 13.46 -8.32 -0.24
N LYS A 56 12.67 -8.32 -1.31
CA LYS A 56 12.42 -7.10 -2.04
C LYS A 56 10.96 -6.74 -1.91
N PHE A 57 10.70 -5.65 -1.20
CA PHE A 57 9.34 -5.12 -1.12
C PHE A 57 8.96 -4.45 -2.43
N LEU A 58 7.82 -4.83 -2.98
CA LEU A 58 7.24 -4.20 -4.18
C LEU A 58 6.03 -3.46 -3.65
N ILE A 59 6.14 -2.14 -3.52
CA ILE A 59 5.16 -1.36 -2.74
C ILE A 59 4.25 -0.59 -3.67
N TRP A 60 2.97 -0.92 -3.63
CA TRP A 60 1.96 -0.17 -4.37
C TRP A 60 1.26 0.79 -3.44
N ASP A 61 1.31 2.06 -3.80
CA ASP A 61 0.80 3.15 -2.99
C ASP A 61 -0.47 3.71 -3.65
N THR A 62 -1.64 3.27 -3.19
CA THR A 62 -2.90 3.66 -3.83
C THR A 62 -3.35 5.07 -3.47
N ALA A 63 -4.10 5.68 -4.39
CA ALA A 63 -4.73 6.98 -4.11
C ALA A 63 -5.94 6.77 -3.21
N GLY A 64 -6.03 7.56 -2.13
CA GLY A 64 -7.22 7.52 -1.28
C GLY A 64 -8.35 8.43 -1.71
N LEU A 65 -8.09 9.32 -2.68
CA LEU A 65 -9.14 10.21 -3.21
C LEU A 65 -10.30 9.37 -3.74
N GLU A 66 -11.51 9.90 -3.59
CA GLU A 66 -12.73 9.12 -3.79
C GLU A 66 -12.88 8.49 -5.17
N ARG A 67 -12.53 9.26 -6.22
CA ARG A 67 -12.69 8.80 -7.60
C ARG A 67 -11.81 7.60 -7.94
N PHE A 68 -10.80 7.35 -7.10
CA PHE A 68 -9.89 6.24 -7.35
C PHE A 68 -10.22 4.97 -6.58
N ARG A 69 -11.29 4.98 -5.80
CA ARG A 69 -11.63 3.82 -4.98
C ARG A 69 -11.76 2.54 -5.81
N ALA A 70 -12.38 2.64 -7.00
CA ALA A 70 -12.54 1.49 -7.87
C ALA A 70 -11.24 0.98 -8.51
N LEU A 71 -10.18 1.78 -8.47
CA LEU A 71 -8.88 1.36 -8.99
C LEU A 71 -8.10 0.47 -8.03
N ALA A 72 -8.39 0.62 -6.74
CA ALA A 72 -7.61 -0.07 -5.69
C ALA A 72 -7.51 -1.61 -5.83
N PRO A 73 -8.61 -2.30 -6.23
CA PRO A 73 -8.48 -3.76 -6.41
C PRO A 73 -7.40 -4.20 -7.39
N MET A 74 -7.07 -3.36 -8.36
CA MET A 74 -5.98 -3.65 -9.31
C MET A 74 -4.64 -3.77 -8.58
N TYR A 75 -4.56 -3.20 -7.38
CA TYR A 75 -3.33 -3.18 -6.60
C TYR A 75 -3.37 -4.06 -5.37
N TYR A 76 -4.51 -4.17 -4.71
CA TYR A 76 -4.53 -5.04 -3.54
C TYR A 76 -4.64 -6.52 -3.88
N ARG A 77 -5.31 -6.84 -5.00
CA ARG A 77 -5.42 -8.23 -5.41
C ARG A 77 -4.05 -8.80 -5.76
N GLY A 78 -3.75 -9.96 -5.20
CA GLY A 78 -2.45 -10.60 -5.39
C GLY A 78 -1.33 -10.11 -4.48
N SER A 79 -1.63 -9.15 -3.61
CA SER A 79 -0.65 -8.71 -2.61
C SER A 79 -0.48 -9.74 -1.50
N ALA A 80 0.76 -9.89 -1.02
CA ALA A 80 1.03 -10.75 0.11
C ALA A 80 0.58 -10.11 1.44
N ALA A 81 0.59 -8.77 1.46
CA ALA A 81 0.17 -8.01 2.63
C ALA A 81 -0.48 -6.71 2.20
N ALA A 82 -1.46 -6.30 2.99
CA ALA A 82 -2.09 -4.99 2.85
C ALA A 82 -1.83 -4.16 4.11
N ILE A 83 -1.33 -2.95 3.92
CA ILE A 83 -1.15 -2.01 5.02
C ILE A 83 -2.30 -1.03 4.94
N ILE A 84 -3.16 -1.03 5.96
CA ILE A 84 -4.28 -0.08 5.99
C ILE A 84 -3.96 0.99 7.00
N VAL A 85 -3.90 2.22 6.50
CA VAL A 85 -3.44 3.36 7.29
C VAL A 85 -4.64 4.23 7.70
N TYR A 86 -4.62 4.69 8.96
CA TYR A 86 -5.53 5.73 9.43
C TYR A 86 -4.71 6.83 10.11
N ASP A 87 -5.41 7.90 10.49
CA ASP A 87 -4.82 9.07 11.15
C ASP A 87 -5.32 9.09 12.58
N ILE A 88 -4.43 8.99 13.56
CA ILE A 88 -4.87 8.89 14.95
C ILE A 88 -5.64 10.11 15.45
N THR A 89 -5.55 11.22 14.73
CA THR A 89 -6.23 12.47 15.09
C THR A 89 -7.60 12.60 14.44
N LYS A 90 -7.99 11.64 13.59
CA LYS A 90 -9.28 11.69 12.90
C LYS A 90 -10.00 10.34 12.98
N GLU A 91 -10.93 10.24 13.91
CA GLU A 91 -11.67 8.99 14.15
C GLU A 91 -12.40 8.50 12.91
N GLU A 92 -12.87 9.42 12.07
CA GLU A 92 -13.56 9.00 10.84
C GLU A 92 -12.67 8.14 9.94
N THR A 93 -11.35 8.36 10.01
CA THR A 93 -10.42 7.59 9.17
C THR A 93 -10.26 6.16 9.66
N PHE A 94 -10.53 5.91 10.94
CA PHE A 94 -10.58 4.55 11.48
C PHE A 94 -11.87 3.85 11.03
N SER A 95 -12.99 4.58 10.97
CA SER A 95 -14.20 4.01 10.37
C SER A 95 -13.99 3.64 8.90
N THR A 96 -13.32 4.52 8.15
CA THR A 96 -12.94 4.21 6.77
C THR A 96 -12.05 2.97 6.68
N LEU A 97 -11.11 2.83 7.62
CA LEU A 97 -10.24 1.66 7.66
C LEU A 97 -11.07 0.37 7.79
N LYS A 98 -12.12 0.38 8.61
CA LYS A 98 -12.98 -0.81 8.74
C LYS A 98 -13.69 -1.13 7.42
N ASN A 99 -14.00 -0.11 6.63
CA ASN A 99 -14.56 -0.35 5.30
C ASN A 99 -13.53 -1.01 4.39
N TRP A 100 -12.27 -0.61 4.50
CA TRP A 100 -11.19 -1.25 3.73
C TRP A 100 -10.99 -2.70 4.13
N VAL A 101 -11.09 -2.99 5.43
CA VAL A 101 -11.02 -4.38 5.88
C VAL A 101 -12.14 -5.20 5.23
N ARG A 102 -13.35 -4.67 5.22
CA ARG A 102 -14.47 -5.36 4.56
C ARG A 102 -14.23 -5.58 3.07
N GLU A 103 -13.69 -4.58 2.39
CA GLU A 103 -13.36 -4.70 0.98
C GLU A 103 -12.34 -5.83 0.73
N LEU A 104 -11.27 -5.85 1.51
CA LEU A 104 -10.30 -6.95 1.44
C LEU A 104 -10.93 -8.31 1.68
N ARG A 105 -11.78 -8.40 2.69
CA ARG A 105 -12.38 -9.67 3.09
C ARG A 105 -13.32 -10.22 2.03
N GLN A 106 -13.93 -9.30 1.26
CA GLN A 106 -14.82 -9.68 0.18
C GLN A 106 -14.06 -10.20 -1.04
N HIS A 107 -12.80 -9.81 -1.19
CA HIS A 107 -12.08 -10.04 -2.44
C HIS A 107 -10.75 -10.77 -2.36
N GLY A 108 -10.26 -11.07 -1.15
CA GLY A 108 -8.92 -11.65 -0.96
C GLY A 108 -8.98 -12.83 0.00
N PRO A 109 -7.92 -13.68 0.04
CA PRO A 109 -7.94 -14.80 0.99
C PRO A 109 -7.96 -14.34 2.44
N PRO A 110 -8.64 -15.08 3.33
CA PRO A 110 -8.59 -14.74 4.75
C PRO A 110 -7.18 -14.78 5.32
N SER A 111 -6.26 -15.45 4.63
CA SER A 111 -4.87 -15.60 5.06
C SER A 111 -3.95 -14.39 4.76
N ILE A 112 -4.42 -13.42 3.97
CA ILE A 112 -3.60 -12.25 3.63
C ILE A 112 -3.13 -11.55 4.91
N VAL A 113 -1.86 -11.16 4.96
CA VAL A 113 -1.33 -10.44 6.09
C VAL A 113 -1.87 -9.02 6.06
N VAL A 114 -2.54 -8.61 7.12
CA VAL A 114 -3.02 -7.24 7.25
C VAL A 114 -2.25 -6.54 8.36
N ALA A 115 -1.79 -5.33 8.05
CA ALA A 115 -1.16 -4.48 9.05
C ALA A 115 -1.95 -3.19 9.13
N ILE A 116 -2.23 -2.78 10.36
CA ILE A 116 -2.92 -1.52 10.64
C ILE A 116 -1.89 -0.54 11.16
N ALA A 117 -1.77 0.60 10.49
CA ALA A 117 -0.86 1.67 10.90
C ALA A 117 -1.65 2.90 11.32
N GLY A 118 -1.58 3.22 12.61
CA GLY A 118 -2.17 4.45 13.11
C GLY A 118 -1.13 5.56 12.99
N ASN A 119 -1.21 6.30 11.89
CA ASN A 119 -0.17 7.25 11.53
C ASN A 119 -0.43 8.64 12.10
N LYS A 120 0.59 9.48 11.98
CA LYS A 120 0.62 10.82 12.59
C LYS A 120 0.66 10.75 14.12
N CYS A 121 1.31 9.71 14.64
CA CYS A 121 1.34 9.50 16.09
C CYS A 121 2.17 10.55 16.84
N ASP A 122 2.89 11.37 16.08
CA ASP A 122 3.58 12.53 16.66
C ASP A 122 2.60 13.60 17.14
N LEU A 123 1.36 13.56 16.64
CA LEU A 123 0.35 14.56 17.00
C LEU A 123 -0.42 14.15 18.25
N THR A 124 0.32 13.95 19.34
CA THR A 124 -0.22 13.34 20.58
C THR A 124 -1.30 14.17 21.26
N ASP A 125 -1.20 15.48 21.12
CA ASP A 125 -2.10 16.39 21.84
C ASP A 125 -3.49 16.46 21.23
N VAL A 126 -3.64 15.95 20.00
CA VAL A 126 -4.92 16.01 19.29
C VAL A 126 -5.45 14.63 18.86
N ARG A 127 -5.00 13.60 19.56
CA ARG A 127 -5.47 12.24 19.37
C ARG A 127 -7.00 12.09 19.49
N GLU A 128 -7.61 11.38 18.55
CA GLU A 128 -9.02 11.01 18.64
C GLU A 128 -9.23 9.50 18.81
N VAL A 129 -8.33 8.71 18.24
CA VAL A 129 -8.42 7.25 18.32
C VAL A 129 -7.47 6.76 19.40
N MET A 130 -8.04 6.18 20.47
CA MET A 130 -7.24 5.63 21.55
C MET A 130 -6.47 4.40 21.10
N GLU A 131 -5.18 4.37 21.45
CA GLU A 131 -4.30 3.26 21.05
C GLU A 131 -4.84 1.91 21.53
N ARG A 132 -5.36 1.85 22.75
CA ARG A 132 -5.91 0.62 23.33
C ARG A 132 -7.01 0.05 22.44
N ASP A 133 -7.87 0.94 21.94
CA ASP A 133 -9.02 0.52 21.13
C ASP A 133 -8.59 0.06 19.74
N ALA A 134 -7.64 0.76 19.14
CA ALA A 134 -7.13 0.39 17.83
C ALA A 134 -6.38 -0.93 17.87
N LYS A 135 -5.56 -1.13 18.89
CA LYS A 135 -4.87 -2.40 19.10
C LYS A 135 -5.85 -3.54 19.29
N ASP A 136 -6.90 -3.32 20.07
CA ASP A 136 -7.90 -4.36 20.31
C ASP A 136 -8.60 -4.73 19.01
N TYR A 137 -8.95 -3.73 18.21
CA TYR A 137 -9.55 -4.02 16.91
C TYR A 137 -8.61 -4.82 16.01
N ALA A 138 -7.34 -4.41 15.96
CA ALA A 138 -6.36 -5.14 15.15
C ALA A 138 -6.25 -6.59 15.60
N ASP A 139 -6.21 -6.83 16.91
CA ASP A 139 -6.19 -8.19 17.42
C ASP A 139 -7.41 -8.99 16.96
N SER A 140 -8.58 -8.36 16.98
CA SER A 140 -9.82 -9.02 16.60
C SER A 140 -9.84 -9.51 15.14
N ILE A 141 -9.01 -8.90 14.28
CA ILE A 141 -8.91 -9.30 12.88
C ILE A 141 -7.57 -9.97 12.58
N HIS A 142 -6.81 -10.26 13.63
CA HIS A 142 -5.50 -10.92 13.51
C HIS A 142 -4.51 -10.12 12.68
N ALA A 143 -4.55 -8.81 12.85
CA ALA A 143 -3.69 -7.91 12.09
C ALA A 143 -2.51 -7.46 12.92
N ILE A 144 -1.43 -7.11 12.24
CA ILE A 144 -0.32 -6.38 12.85
C ILE A 144 -0.84 -5.00 13.23
N PHE A 145 -0.37 -4.46 14.35
CA PHE A 145 -0.71 -3.09 14.75
C PHE A 145 0.52 -2.30 15.16
N VAL A 146 0.66 -1.12 14.57
CA VAL A 146 1.65 -0.14 15.02
C VAL A 146 1.09 1.27 14.93
N GLU A 147 1.45 2.11 15.89
CA GLU A 147 1.29 3.54 15.71
C GLU A 147 2.58 4.08 15.09
N THR A 148 2.45 4.85 14.01
CA THR A 148 3.60 5.30 13.22
C THR A 148 3.66 6.80 13.09
N SER A 149 4.85 7.30 12.78
CA SER A 149 5.01 8.66 12.32
C SER A 149 6.02 8.70 11.20
N ALA A 150 5.55 9.01 9.99
CA ALA A 150 6.45 9.23 8.87
C ALA A 150 7.28 10.48 9.10
N LYS A 151 6.70 11.47 9.78
CA LYS A 151 7.38 12.72 10.07
C LYS A 151 8.57 12.49 11.02
N ASN A 152 8.33 11.77 12.10
CA ASN A 152 9.33 11.62 13.16
C ASN A 152 10.08 10.29 13.10
N ALA A 153 9.80 9.52 12.04
CA ALA A 153 10.46 8.21 11.81
C ALA A 153 10.22 7.22 12.96
N ILE A 154 8.94 7.02 13.30
CA ILE A 154 8.55 6.13 14.39
C ILE A 154 7.82 4.91 13.85
N ASN A 155 8.36 3.73 14.13
CA ASN A 155 7.74 2.43 13.84
C ASN A 155 7.52 2.07 12.37
N ILE A 156 8.15 2.82 11.47
CA ILE A 156 8.03 2.53 10.04
C ILE A 156 8.80 1.23 9.70
N ASN A 157 10.04 1.14 10.17
CA ASN A 157 10.81 -0.08 9.95
C ASN A 157 10.15 -1.28 10.62
N GLU A 158 9.68 -1.10 11.85
CA GLU A 158 9.03 -2.15 12.64
C GLU A 158 7.86 -2.74 11.87
N LEU A 159 7.08 -1.87 11.24
CA LEU A 159 5.95 -2.26 10.42
C LEU A 159 6.35 -3.28 9.36
N PHE A 160 7.35 -2.93 8.55
CA PHE A 160 7.79 -3.80 7.46
C PHE A 160 8.52 -5.06 7.92
N ILE A 161 9.28 -4.95 9.02
CA ILE A 161 9.92 -6.12 9.61
C ILE A 161 8.89 -7.17 10.05
N GLU A 162 7.81 -6.72 10.70
CA GLU A 162 6.78 -7.64 11.15
C GLU A 162 5.97 -8.23 10.00
N ILE A 163 5.72 -7.43 8.96
CA ILE A 163 5.09 -7.96 7.76
C ILE A 163 5.92 -9.12 7.19
N SER A 164 7.23 -8.89 7.05
CA SER A 164 8.13 -9.92 6.55
C SER A 164 8.10 -11.17 7.41
N ARG A 165 8.06 -10.99 8.73
CA ARG A 165 8.05 -12.14 9.63
C ARG A 165 6.79 -12.98 9.43
N ARG A 166 5.66 -12.33 9.18
CA ARG A 166 4.38 -13.03 9.05
C ARG A 166 4.09 -13.68 7.69
N ILE A 167 4.66 -13.13 6.62
CA ILE A 167 4.46 -13.72 5.29
C ILE A 167 5.21 -15.07 5.21
N PRO A 168 4.48 -16.17 4.96
CA PRO A 168 5.09 -17.50 5.02
C PRO A 168 5.72 -18.00 3.72
N SER A 169 5.84 -17.13 2.72
CA SER A 169 6.43 -17.55 1.43
C SER A 169 7.94 -17.67 1.54
N ILE B 9 -14.22 1.35 -12.97
CA ILE B 9 -13.27 2.50 -12.94
C ILE B 9 -13.64 3.50 -14.04
N GLU B 10 -13.80 4.76 -13.67
CA GLU B 10 -14.00 5.83 -14.66
C GLU B 10 -12.93 5.69 -15.74
N GLU B 11 -13.38 5.54 -16.99
CA GLU B 11 -12.50 5.13 -18.08
C GLU B 11 -11.25 5.99 -18.26
N GLU B 12 -11.40 7.30 -18.15
CA GLU B 12 -10.29 8.23 -18.29
C GLU B 12 -9.23 8.05 -17.20
N LEU B 13 -9.66 7.70 -15.98
CA LEU B 13 -8.75 7.43 -14.88
C LEU B 13 -7.95 6.14 -15.13
N LEU B 14 -8.60 5.15 -15.72
CA LEU B 14 -7.93 3.90 -16.07
C LEU B 14 -6.89 4.15 -17.16
N LEU B 15 -7.27 4.93 -18.17
CA LEU B 15 -6.33 5.28 -19.24
C LEU B 15 -5.12 6.07 -18.71
N GLN B 16 -5.36 6.95 -17.75
CA GLN B 16 -4.28 7.73 -17.15
C GLN B 16 -3.29 6.87 -16.35
N GLN B 17 -3.81 5.87 -15.62
CA GLN B 17 -2.95 4.97 -14.85
C GLN B 17 -2.11 4.06 -15.76
N ILE B 18 -2.71 3.65 -16.89
CA ILE B 18 -1.98 2.92 -17.93
C ILE B 18 -0.79 3.77 -18.39
N ASP B 19 -1.05 5.04 -18.66
CA ASP B 19 0.00 5.98 -19.02
C ASP B 19 1.02 6.16 -17.88
N ASN B 20 0.55 6.16 -16.64
CA ASN B 20 1.44 6.21 -15.48
C ASN B 20 2.38 5.00 -15.37
N ILE B 21 1.82 3.79 -15.50
CA ILE B 21 2.63 2.57 -15.48
C ILE B 21 3.61 2.50 -16.67
N LYS B 22 3.16 2.98 -17.84
CA LYS B 22 4.04 3.11 -19.00
C LYS B 22 5.22 4.03 -18.73
N ALA B 23 4.99 5.08 -17.93
CA ALA B 23 6.08 5.97 -17.49
C ALA B 23 7.04 5.27 -16.52
N TYR B 24 6.50 4.48 -15.59
CA TYR B 24 7.32 3.64 -14.71
C TYR B 24 8.11 2.60 -15.50
N ILE B 25 7.49 2.04 -16.53
CA ILE B 25 8.17 1.10 -17.43
C ILE B 25 9.29 1.77 -18.21
N PHE B 26 9.00 2.92 -18.82
CA PHE B 26 10.02 3.69 -19.53
C PHE B 26 11.26 3.96 -18.68
N ASP B 27 11.04 4.23 -17.39
CA ASP B 27 12.12 4.54 -16.45
C ASP B 27 12.86 3.29 -15.95
N ALA B 28 12.13 2.20 -15.73
CA ALA B 28 12.72 0.93 -15.30
C ALA B 28 13.50 0.24 -16.43
N LYS B 29 13.14 0.55 -17.68
CA LYS B 29 13.88 0.07 -18.85
C LYS B 29 15.15 0.89 -19.08
N GLN B 30 15.06 2.20 -18.86
CA GLN B 30 16.20 3.11 -18.99
C GLN B 30 17.26 2.84 -17.91
N CYS B 31 16.82 2.32 -16.77
CA CYS B 31 17.73 1.85 -15.73
C CYS B 31 18.06 0.36 -15.95
N GLY B 32 18.43 -0.35 -14.89
CA GLY B 32 18.86 -1.74 -15.01
C GLY B 32 18.02 -2.79 -14.32
N ARG B 33 16.97 -2.35 -13.61
CA ARG B 33 16.12 -3.27 -12.85
C ARG B 33 15.19 -4.06 -13.76
N LEU B 34 15.63 -5.27 -14.13
CA LEU B 34 14.88 -6.14 -15.03
C LEU B 34 13.65 -6.76 -14.36
N ASP B 35 13.81 -7.18 -13.10
CA ASP B 35 12.74 -7.81 -12.34
C ASP B 35 11.54 -6.87 -12.14
N GLU B 36 11.82 -5.57 -12.02
CA GLU B 36 10.77 -4.56 -11.86
C GLU B 36 10.09 -4.21 -13.19
N VAL B 37 10.82 -4.26 -14.30
CA VAL B 37 10.22 -4.14 -15.63
C VAL B 37 9.11 -5.18 -15.79
N GLU B 38 9.38 -6.41 -15.36
CA GLU B 38 8.42 -7.51 -15.43
C GLU B 38 7.22 -7.29 -14.51
N VAL B 39 7.49 -6.84 -13.28
CA VAL B 39 6.43 -6.55 -12.29
C VAL B 39 5.47 -5.49 -12.81
N LEU B 40 6.05 -4.43 -13.37
CA LEU B 40 5.29 -3.32 -13.92
C LEU B 40 4.55 -3.71 -15.19
N THR B 41 5.18 -4.54 -16.02
CA THR B 41 4.57 -5.05 -17.25
C THR B 41 3.35 -5.94 -16.95
N GLU B 42 3.44 -6.73 -15.88
CA GLU B 42 2.31 -7.55 -15.41
C GLU B 42 1.12 -6.65 -15.00
N ASN B 43 1.42 -5.58 -14.27
CA ASN B 43 0.38 -4.62 -13.89
C ASN B 43 -0.24 -3.94 -15.11
N LEU B 44 0.60 -3.55 -16.07
CA LEU B 44 0.12 -2.99 -17.33
C LEU B 44 -0.84 -3.96 -18.03
N ARG B 45 -0.48 -5.23 -18.09
CA ARG B 45 -1.34 -6.25 -18.70
C ARG B 45 -2.70 -6.30 -18.01
N GLU B 46 -2.68 -6.22 -16.68
CA GLU B 46 -3.91 -6.28 -15.90
C GLU B 46 -4.80 -5.06 -16.11
N LEU B 47 -4.19 -3.87 -16.16
CA LEU B 47 -4.93 -2.65 -16.46
C LEU B 47 -5.57 -2.71 -17.84
N LYS B 48 -4.82 -3.20 -18.82
CA LYS B 48 -5.34 -3.35 -20.19
C LYS B 48 -6.50 -4.36 -20.27
N HIS B 49 -6.40 -5.44 -19.52
CA HIS B 49 -7.49 -6.44 -19.44
C HIS B 49 -8.75 -5.83 -18.86
N THR B 50 -8.60 -5.06 -17.78
CA THR B 50 -9.73 -4.37 -17.17
C THR B 50 -10.37 -3.37 -18.14
N LEU B 51 -9.53 -2.64 -18.90
CA LEU B 51 -10.03 -1.71 -19.93
C LEU B 51 -10.83 -2.44 -21.01
N ALA B 52 -10.30 -3.55 -21.50
CA ALA B 52 -10.99 -4.35 -22.51
C ALA B 52 -12.33 -4.89 -21.98
N LYS B 53 -12.36 -5.23 -20.70
CA LYS B 53 -13.58 -5.69 -20.05
C LYS B 53 -14.62 -4.58 -19.96
N GLN B 54 -14.18 -3.37 -19.60
CA GLN B 54 -15.10 -2.25 -19.50
C GLN B 54 -15.71 -1.87 -20.85
N LYS B 55 -14.98 -2.18 -21.92
CA LYS B 55 -15.47 -1.97 -23.28
C LYS B 55 -16.29 -3.15 -23.83
N GLY B 56 -16.46 -4.19 -23.01
CA GLY B 56 -17.30 -5.32 -23.37
C GLY B 56 -16.68 -6.40 -24.23
N GLY B 57 -15.38 -6.28 -24.49
CA GLY B 57 -14.71 -7.24 -25.36
C GLY B 57 -14.51 -8.60 -24.73
N THR B 58 -14.44 -8.62 -23.40
CA THR B 58 -14.40 -9.89 -22.64
C THR B 58 -15.22 -9.76 -21.38
N ASP B 59 -15.44 -10.89 -20.72
CA ASP B 59 -16.02 -10.92 -19.38
C ASP B 59 -14.92 -11.09 -18.33
#